data_1NRG
#
_entry.id   1NRG
#
_cell.length_a   82.747
_cell.length_b   82.747
_cell.length_c   59.327
_cell.angle_alpha   90.00
_cell.angle_beta   90.00
_cell.angle_gamma   120.00
#
_symmetry.space_group_name_H-M   'P 31 2 1'
#
loop_
_entity.id
_entity.type
_entity.pdbx_description
1 polymer "pyridoxine 5'-phosphate oxidase"
2 non-polymer 'PHOSPHATE ION'
3 non-polymer 'FLAVIN MONONUCLEOTIDE'
4 non-polymer "PYRIDOXAL-5'-PHOSPHATE"
5 non-polymer BETA-MERCAPTOETHANOL
6 water water
#
_entity_poly.entity_id   1
_entity_poly.type   'polypeptide(L)'
_entity_poly.pdbx_seq_one_letter_code
;MTCWLRGVTATFGRPAEWPGYLSHLCGRSAAMDLGPMRKSYRGDREAFEETHLTSLDPVKQFAAWFEEAVQCPDIGEANA
MCLATCTRDGKPSARMLLLKGFGKDGFRFFTNFESRKGKELDSNPFASLVFYWEPLNRQVRVEGPVKKLPEEEAECYFHS
RPKSSQIGAVVSHQSSVIPDREYLRKKNEELEQLYQDQEVPKPKSWGGYVLYPQVMEFWQGQTNRLHDRIVFRRGLPTGD
SPLGPMTHRGEEDWLYERLAP
;
_entity_poly.pdbx_strand_id   A
#
loop_
_chem_comp.id
_chem_comp.type
_chem_comp.name
_chem_comp.formula
BME non-polymer BETA-MERCAPTOETHANOL 'C2 H6 O S'
FMN non-polymer 'FLAVIN MONONUCLEOTIDE' 'C17 H21 N4 O9 P'
PLP non-polymer PYRIDOXAL-5'-PHOSPHATE 'C8 H10 N O6 P'
PO4 non-polymer 'PHOSPHATE ION' 'O4 P -3'
#
# COMPACT_ATOMS: atom_id res chain seq x y z
N GLU A 49 22.50 -4.62 21.51
CA GLU A 49 21.05 -4.51 21.19
C GLU A 49 20.43 -5.70 20.44
N GLU A 50 20.25 -5.49 19.14
CA GLU A 50 19.63 -6.43 18.22
C GLU A 50 18.67 -7.54 18.55
N THR A 51 17.56 -7.30 17.87
CA THR A 51 16.33 -8.05 17.85
C THR A 51 16.23 -8.33 16.35
N HIS A 52 17.39 -8.42 15.72
CA HIS A 52 17.56 -8.68 14.28
C HIS A 52 17.06 -7.55 13.40
N LEU A 53 17.51 -6.32 13.62
CA LEU A 53 17.03 -5.21 12.81
C LEU A 53 18.14 -4.44 12.15
N THR A 54 17.81 -3.81 11.03
CA THR A 54 18.73 -3.00 10.24
C THR A 54 18.60 -1.54 10.64
N SER A 55 17.37 -1.11 10.91
CA SER A 55 17.07 0.27 11.29
C SER A 55 15.97 0.40 12.31
N LEU A 56 16.01 1.49 13.07
CA LEU A 56 14.97 1.76 14.05
C LEU A 56 13.96 2.71 13.46
N ASP A 57 14.15 3.05 12.18
CA ASP A 57 13.19 3.86 11.41
C ASP A 57 12.48 2.71 10.66
N PRO A 58 11.19 2.45 10.97
CA PRO A 58 10.41 1.38 10.33
C PRO A 58 10.38 1.46 8.81
N VAL A 59 10.36 2.68 8.29
CA VAL A 59 10.32 2.85 6.84
C VAL A 59 11.62 2.37 6.22
N LYS A 60 12.72 2.58 6.92
CA LYS A 60 14.04 2.14 6.48
C LYS A 60 14.17 0.63 6.69
N GLN A 61 13.50 0.08 7.70
CA GLN A 61 13.53 -1.37 7.90
C GLN A 61 12.73 -2.05 6.79
N PHE A 62 11.67 -1.38 6.33
CA PHE A 62 10.85 -1.92 5.27
C PHE A 62 11.70 -1.94 4.00
N ALA A 63 12.46 -0.86 3.81
CA ALA A 63 13.29 -0.75 2.61
C ALA A 63 14.26 -1.92 2.53
N ALA A 64 14.88 -2.29 3.66
CA ALA A 64 15.80 -3.42 3.68
C ALA A 64 15.09 -4.75 3.35
N TRP A 65 13.95 -4.99 3.96
CA TRP A 65 13.19 -6.22 3.68
C TRP A 65 12.65 -6.22 2.26
N PHE A 66 12.21 -5.05 1.78
CA PHE A 66 11.65 -4.95 0.41
C PHE A 66 12.75 -5.32 -0.59
N GLU A 67 13.91 -4.71 -0.42
CA GLU A 67 15.02 -4.99 -1.31
C GLU A 67 15.30 -6.50 -1.32
N GLU A 68 15.32 -7.15 -0.15
CA GLU A 68 15.54 -8.59 -0.13
C GLU A 68 14.48 -9.37 -0.94
N ALA A 69 13.22 -8.96 -0.84
CA ALA A 69 12.18 -9.67 -1.58
C ALA A 69 12.41 -9.41 -3.07
N VAL A 70 12.78 -8.20 -3.43
CA VAL A 70 13.04 -7.86 -4.82
C VAL A 70 14.20 -8.73 -5.31
N GLN A 71 15.20 -8.92 -4.44
CA GLN A 71 16.39 -9.72 -4.73
C GLN A 71 16.07 -11.21 -4.93
N CYS A 72 14.96 -11.67 -4.37
CA CYS A 72 14.54 -13.05 -4.46
C CYS A 72 13.85 -13.46 -5.77
N PRO A 73 14.46 -14.39 -6.53
CA PRO A 73 13.90 -14.86 -7.79
C PRO A 73 12.58 -15.61 -7.68
N ASP A 74 12.21 -16.02 -6.47
CA ASP A 74 10.95 -16.74 -6.30
C ASP A 74 9.74 -15.87 -5.98
N ILE A 75 10.00 -14.58 -5.92
CA ILE A 75 8.94 -13.62 -5.67
C ILE A 75 8.64 -12.90 -6.97
N GLY A 76 7.41 -13.03 -7.47
CA GLY A 76 7.04 -12.36 -8.71
C GLY A 76 6.94 -10.85 -8.56
N GLU A 77 5.99 -10.37 -7.76
CA GLU A 77 5.85 -8.93 -7.53
C GLU A 77 6.00 -8.67 -6.03
N ALA A 78 7.18 -8.20 -5.63
CA ALA A 78 7.49 -7.89 -4.24
C ALA A 78 6.66 -6.73 -3.71
N ASN A 79 6.21 -5.84 -4.61
CA ASN A 79 5.37 -4.72 -4.21
C ASN A 79 3.86 -5.07 -4.19
N ALA A 80 3.50 -6.33 -4.51
CA ALA A 80 2.09 -6.71 -4.43
C ALA A 80 1.73 -6.74 -2.93
N MET A 81 0.58 -6.16 -2.61
CA MET A 81 0.12 -6.07 -1.23
C MET A 81 -1.41 -6.17 -1.17
N CYS A 82 -1.92 -6.49 0.03
CA CYS A 82 -3.35 -6.56 0.21
C CYS A 82 -3.77 -5.32 0.99
N LEU A 83 -4.70 -4.56 0.41
CA LEU A 83 -5.22 -3.34 1.03
C LEU A 83 -6.56 -3.56 1.72
N ALA A 84 -6.60 -3.30 3.01
CA ALA A 84 -7.82 -3.47 3.81
C ALA A 84 -8.42 -2.08 4.12
N THR A 85 -9.69 -1.90 3.78
CA THR A 85 -10.41 -0.66 4.04
C THR A 85 -11.75 -1.06 4.69
N CYS A 86 -12.53 -0.06 5.09
CA CYS A 86 -13.84 -0.34 5.66
C CYS A 86 -14.73 0.90 5.70
N THR A 87 -16.03 0.65 5.78
CA THR A 87 -16.99 1.72 5.91
C THR A 87 -16.83 2.25 7.33
N ARG A 88 -17.36 3.45 7.51
CA ARG A 88 -17.39 4.16 8.79
C ARG A 88 -18.09 3.27 9.85
N ASP A 89 -19.12 2.58 9.40
CA ASP A 89 -19.99 1.73 10.21
C ASP A 89 -19.39 0.37 10.57
N GLY A 90 -18.15 0.15 10.14
CA GLY A 90 -17.46 -1.07 10.47
C GLY A 90 -17.63 -2.25 9.54
N LYS A 91 -17.70 -2.02 8.22
CA LYS A 91 -17.81 -3.16 7.30
C LYS A 91 -16.51 -3.20 6.48
N PRO A 92 -15.65 -4.20 6.76
CA PRO A 92 -14.36 -4.32 6.07
C PRO A 92 -14.40 -4.94 4.67
N SER A 93 -13.37 -4.66 3.88
CA SER A 93 -13.27 -5.19 2.52
C SER A 93 -11.77 -5.26 2.29
N ALA A 94 -11.32 -6.00 1.30
CA ALA A 94 -9.88 -6.12 1.07
C ALA A 94 -9.61 -6.67 -0.34
N ARG A 95 -8.46 -6.28 -0.89
CA ARG A 95 -8.05 -6.70 -2.22
C ARG A 95 -6.58 -6.47 -2.46
N MET A 96 -6.04 -7.13 -3.48
CA MET A 96 -4.62 -6.99 -3.83
C MET A 96 -4.44 -5.69 -4.61
N LEU A 97 -3.28 -5.06 -4.42
CA LEU A 97 -2.88 -3.82 -5.06
C LEU A 97 -1.38 -3.85 -5.18
N LEU A 98 -0.85 -2.89 -5.93
CA LEU A 98 0.60 -2.78 -6.08
C LEU A 98 1.07 -1.53 -5.37
N LEU A 99 2.13 -1.65 -4.58
CA LEU A 99 2.69 -0.47 -3.94
C LEU A 99 3.43 0.28 -5.07
N LYS A 100 3.22 1.59 -5.19
CA LYS A 100 3.85 2.42 -6.22
C LYS A 100 4.60 3.59 -5.59
N GLY A 101 5.63 3.29 -4.82
CA GLY A 101 6.40 4.32 -4.15
C GLY A 101 6.18 4.31 -2.65
N PHE A 102 7.24 4.59 -1.91
CA PHE A 102 7.23 4.67 -0.44
C PHE A 102 8.41 5.54 0.00
N GLY A 103 8.27 6.16 1.16
CA GLY A 103 9.31 7.00 1.71
C GLY A 103 8.88 7.45 3.09
N LYS A 104 9.39 8.56 3.60
CA LYS A 104 9.00 9.00 4.94
C LYS A 104 7.54 9.41 4.96
N ASP A 105 7.06 10.00 3.87
CA ASP A 105 5.66 10.47 3.76
C ASP A 105 4.62 9.34 3.76
N GLY A 106 5.04 8.15 3.36
CA GLY A 106 4.11 7.05 3.33
C GLY A 106 4.19 6.09 2.17
N PHE A 107 3.14 5.27 2.08
CA PHE A 107 3.03 4.22 1.09
C PHE A 107 2.01 4.66 0.05
N ARG A 108 2.46 4.71 -1.20
CA ARG A 108 1.63 5.19 -2.30
C ARG A 108 1.13 4.12 -3.26
N PHE A 109 -0.12 4.29 -3.68
CA PHE A 109 -0.76 3.39 -4.63
C PHE A 109 -1.84 4.14 -5.44
N PHE A 110 -2.23 3.55 -6.56
CA PHE A 110 -3.17 4.17 -7.45
C PHE A 110 -4.34 3.26 -7.74
N THR A 111 -5.51 3.86 -7.92
CA THR A 111 -6.77 3.18 -8.17
C THR A 111 -7.81 4.22 -8.63
N ASN A 112 -9.01 3.74 -8.91
CA ASN A 112 -10.11 4.63 -9.31
C ASN A 112 -10.88 5.06 -8.04
N PHE A 113 -10.96 6.37 -7.80
CA PHE A 113 -11.66 6.88 -6.63
C PHE A 113 -13.13 6.44 -6.55
N GLU A 114 -13.74 6.12 -7.69
CA GLU A 114 -15.13 5.71 -7.68
C GLU A 114 -15.32 4.21 -7.53
N SER A 115 -14.21 3.52 -7.29
CA SER A 115 -14.22 2.07 -7.06
C SER A 115 -14.79 1.87 -5.67
N ARG A 116 -15.04 0.61 -5.31
CA ARG A 116 -15.58 0.32 -4.01
C ARG A 116 -14.58 0.75 -2.91
N LYS A 117 -13.27 0.57 -3.16
CA LYS A 117 -12.25 0.91 -2.14
C LYS A 117 -12.13 2.41 -2.06
N GLY A 118 -12.28 3.07 -3.20
CA GLY A 118 -12.19 4.52 -3.28
C GLY A 118 -13.32 5.22 -2.53
N LYS A 119 -14.52 4.67 -2.62
CA LYS A 119 -15.64 5.27 -1.92
C LYS A 119 -15.45 5.05 -0.46
N GLU A 120 -14.81 3.94 -0.10
CA GLU A 120 -14.59 3.69 1.31
C GLU A 120 -13.52 4.58 1.92
N LEU A 121 -12.40 4.75 1.21
CA LEU A 121 -11.31 5.58 1.73
C LEU A 121 -11.77 7.05 1.88
N ASP A 122 -12.52 7.52 0.89
CA ASP A 122 -13.04 8.89 0.88
C ASP A 122 -14.04 9.18 2.01
N SER A 123 -14.82 8.19 2.44
CA SER A 123 -15.74 8.43 3.55
C SER A 123 -15.11 8.05 4.91
N ASN A 124 -14.00 7.33 4.89
CA ASN A 124 -13.35 6.88 6.12
C ASN A 124 -11.89 6.60 5.79
N PRO A 125 -11.10 7.69 5.67
CA PRO A 125 -9.68 7.61 5.33
C PRO A 125 -8.73 6.89 6.25
N PHE A 126 -8.95 5.59 6.45
CA PHE A 126 -8.04 4.77 7.24
C PHE A 126 -7.89 3.44 6.52
N ALA A 127 -6.68 2.88 6.56
CA ALA A 127 -6.38 1.63 5.87
C ALA A 127 -5.30 0.80 6.52
N SER A 128 -5.17 -0.45 6.09
CA SER A 128 -4.11 -1.33 6.59
C SER A 128 -3.54 -2.05 5.39
N LEU A 129 -2.25 -2.34 5.46
CA LEU A 129 -1.61 -3.07 4.35
C LEU A 129 -0.93 -4.32 4.85
N VAL A 130 -0.89 -5.34 4.00
CA VAL A 130 -0.21 -6.59 4.31
C VAL A 130 0.69 -7.02 3.13
N PHE A 131 1.99 -7.14 3.38
CA PHE A 131 2.92 -7.62 2.38
C PHE A 131 3.24 -9.00 2.93
N TYR A 132 3.20 -10.02 2.06
CA TYR A 132 3.53 -11.37 2.41
C TYR A 132 4.49 -12.00 1.39
N TRP A 133 5.68 -12.36 1.85
CA TRP A 133 6.72 -12.93 1.01
C TRP A 133 7.00 -14.37 1.50
N GLU A 134 6.26 -15.30 0.90
CA GLU A 134 6.29 -16.69 1.26
C GLU A 134 7.67 -17.31 1.26
N PRO A 135 8.46 -17.12 0.19
CA PRO A 135 9.82 -17.70 0.15
C PRO A 135 10.74 -17.20 1.25
N LEU A 136 10.37 -16.09 1.90
CA LEU A 136 11.21 -15.53 2.95
C LEU A 136 10.58 -15.72 4.31
N ASN A 137 9.38 -16.27 4.29
CA ASN A 137 8.61 -16.49 5.51
C ASN A 137 8.47 -15.18 6.25
N ARG A 138 8.14 -14.14 5.50
CA ARG A 138 7.98 -12.82 6.06
C ARG A 138 6.67 -12.13 5.74
N GLN A 139 6.26 -11.32 6.70
CA GLN A 139 5.06 -10.54 6.62
C GLN A 139 5.29 -9.14 7.16
N VAL A 140 4.80 -8.13 6.45
CA VAL A 140 4.88 -6.76 6.90
C VAL A 140 3.49 -6.13 6.93
N ARG A 141 3.12 -5.55 8.08
CA ARG A 141 1.80 -4.91 8.20
C ARG A 141 1.97 -3.42 8.45
N VAL A 142 1.18 -2.60 7.77
CA VAL A 142 1.22 -1.12 7.89
C VAL A 142 -0.19 -0.57 8.13
N GLU A 143 -0.34 0.25 9.18
CA GLU A 143 -1.61 0.86 9.51
C GLU A 143 -1.42 2.37 9.55
N GLY A 144 -2.37 3.10 8.97
CA GLY A 144 -2.28 4.54 8.98
C GLY A 144 -3.40 5.28 8.28
N PRO A 145 -3.46 6.62 8.45
CA PRO A 145 -4.51 7.42 7.80
C PRO A 145 -4.11 7.51 6.34
N VAL A 146 -5.08 7.70 5.46
CA VAL A 146 -4.75 7.84 4.07
C VAL A 146 -5.15 9.24 3.61
N LYS A 147 -4.42 9.75 2.61
CA LYS A 147 -4.62 11.04 1.99
C LYS A 147 -4.53 10.92 0.44
N LYS A 148 -5.41 11.59 -0.27
CA LYS A 148 -5.41 11.57 -1.73
C LYS A 148 -4.18 12.32 -2.30
N LEU A 149 -3.54 11.78 -3.32
CA LEU A 149 -2.36 12.47 -3.87
C LEU A 149 -2.78 13.65 -4.72
N PRO A 150 -1.93 14.67 -4.83
CA PRO A 150 -2.29 15.82 -5.66
C PRO A 150 -2.47 15.46 -7.14
N GLU A 151 -3.43 16.09 -7.77
CA GLU A 151 -3.78 15.89 -9.17
C GLU A 151 -2.59 15.82 -10.13
N GLU A 152 -1.72 16.81 -10.05
CA GLU A 152 -0.59 16.84 -10.97
C GLU A 152 0.30 15.65 -10.73
N GLU A 153 0.37 15.20 -9.48
CA GLU A 153 1.20 14.04 -9.20
C GLU A 153 0.57 12.82 -9.86
N ALA A 154 -0.74 12.67 -9.75
CA ALA A 154 -1.42 11.53 -10.40
C ALA A 154 -1.24 11.59 -11.91
N GLU A 155 -1.28 12.81 -12.46
CA GLU A 155 -1.10 13.03 -13.89
C GLU A 155 0.26 12.50 -14.37
N CYS A 156 1.31 12.96 -13.70
CA CYS A 156 2.62 12.52 -14.10
C CYS A 156 2.72 11.01 -14.01
N TYR A 157 2.25 10.42 -12.93
CA TYR A 157 2.33 8.97 -12.80
C TYR A 157 1.52 8.24 -13.88
N PHE A 158 0.33 8.77 -14.15
CA PHE A 158 -0.58 8.17 -15.12
C PHE A 158 0.07 8.06 -16.49
N HIS A 159 0.68 9.16 -16.98
CA HIS A 159 1.33 9.15 -18.28
C HIS A 159 2.65 8.39 -18.35
N SER A 160 3.13 7.90 -17.21
CA SER A 160 4.36 7.11 -17.22
C SER A 160 3.98 5.65 -17.46
N ARG A 161 2.72 5.29 -17.28
CA ARG A 161 2.30 3.93 -17.50
C ARG A 161 2.23 3.61 -19.01
N PRO A 162 2.21 2.33 -19.37
CA PRO A 162 2.13 2.06 -20.81
C PRO A 162 0.76 2.50 -21.33
N LYS A 163 0.73 2.95 -22.58
CA LYS A 163 -0.50 3.44 -23.18
C LYS A 163 -1.71 2.55 -22.95
N SER A 164 -1.55 1.24 -23.20
CA SER A 164 -2.65 0.29 -23.03
C SER A 164 -3.18 0.32 -21.63
N SER A 165 -2.31 0.62 -20.67
CA SER A 165 -2.73 0.69 -19.27
C SER A 165 -3.58 1.95 -19.08
N GLN A 166 -3.12 3.09 -19.62
CA GLN A 166 -3.88 4.34 -19.52
C GLN A 166 -5.30 4.17 -20.17
N ILE A 167 -5.33 3.64 -21.37
CA ILE A 167 -6.59 3.43 -22.06
C ILE A 167 -7.48 2.48 -21.24
N GLY A 168 -6.86 1.50 -20.57
CA GLY A 168 -7.63 0.58 -19.73
C GLY A 168 -8.37 1.32 -18.62
N ALA A 169 -7.71 2.34 -18.07
CA ALA A 169 -8.31 3.12 -17.00
C ALA A 169 -9.48 3.99 -17.48
N VAL A 170 -9.48 4.35 -18.76
CA VAL A 170 -10.56 5.18 -19.30
C VAL A 170 -11.82 4.36 -19.61
N VAL A 171 -11.63 3.13 -20.07
CA VAL A 171 -12.77 2.25 -20.40
C VAL A 171 -13.47 1.74 -19.14
N SER A 172 -12.70 1.39 -18.13
CA SER A 172 -13.32 0.83 -16.94
C SER A 172 -13.74 1.69 -15.76
N HIS A 173 -15.04 1.73 -15.51
CA HIS A 173 -15.58 2.44 -14.34
C HIS A 173 -15.46 1.34 -13.27
N GLN A 174 -14.23 1.20 -12.78
CA GLN A 174 -13.83 0.15 -11.83
C GLN A 174 -14.85 -0.17 -10.77
N SER A 175 -15.29 -1.42 -10.78
CA SER A 175 -16.24 -2.02 -9.84
C SER A 175 -17.71 -1.77 -10.13
N SER A 176 -18.02 -1.05 -11.21
CA SER A 176 -19.41 -0.85 -11.57
C SER A 176 -19.83 -2.10 -12.33
N VAL A 177 -21.12 -2.40 -12.31
CA VAL A 177 -21.61 -3.57 -13.00
C VAL A 177 -21.57 -3.38 -14.51
N ILE A 178 -21.12 -4.40 -15.23
CA ILE A 178 -21.09 -4.35 -16.68
C ILE A 178 -21.85 -5.57 -17.20
N PRO A 179 -22.25 -5.58 -18.47
CA PRO A 179 -22.99 -6.75 -18.91
C PRO A 179 -22.23 -8.00 -19.24
N ASP A 180 -21.03 -7.84 -19.78
CA ASP A 180 -20.20 -8.99 -20.14
C ASP A 180 -18.80 -8.53 -20.52
N ARG A 181 -17.88 -9.48 -20.75
CA ARG A 181 -16.50 -9.18 -21.10
C ARG A 181 -16.34 -8.58 -22.50
N GLU A 182 -17.29 -8.85 -23.38
CA GLU A 182 -17.21 -8.28 -24.71
C GLU A 182 -17.37 -6.76 -24.67
N TYR A 183 -18.23 -6.28 -23.79
CA TYR A 183 -18.46 -4.86 -23.58
C TYR A 183 -17.14 -4.13 -23.34
N LEU A 184 -16.27 -4.73 -22.52
CA LEU A 184 -14.97 -4.13 -22.24
C LEU A 184 -14.09 -4.14 -23.47
N ARG A 185 -14.02 -5.30 -24.12
CA ARG A 185 -13.20 -5.49 -25.33
C ARG A 185 -13.57 -4.49 -26.45
N LYS A 186 -14.87 -4.32 -26.66
CA LYS A 186 -15.35 -3.37 -27.67
C LYS A 186 -14.97 -1.95 -27.30
N LYS A 187 -15.31 -1.54 -26.08
CA LYS A 187 -15.00 -0.18 -25.66
C LYS A 187 -13.50 0.10 -25.74
N ASN A 188 -12.69 -0.86 -25.36
CA ASN A 188 -11.22 -0.72 -25.39
C ASN A 188 -10.66 -0.52 -26.79
N GLU A 189 -11.14 -1.31 -27.75
CA GLU A 189 -10.72 -1.21 -29.15
C GLU A 189 -11.09 0.17 -29.73
N GLU A 190 -12.26 0.67 -29.35
CA GLU A 190 -12.73 1.96 -29.86
C GLU A 190 -11.90 3.12 -29.29
N LEU A 191 -11.56 3.03 -28.00
CA LEU A 191 -10.75 4.07 -27.39
C LEU A 191 -9.33 4.02 -27.98
N GLU A 192 -8.85 2.84 -28.37
CA GLU A 192 -7.53 2.79 -29.01
C GLU A 192 -7.60 3.57 -30.36
N GLN A 193 -8.71 3.51 -31.08
CA GLN A 193 -8.62 4.26 -32.32
C GLN A 193 -8.77 5.76 -32.09
N LEU A 194 -9.49 6.13 -31.03
CA LEU A 194 -9.72 7.52 -30.69
C LEU A 194 -8.40 8.16 -30.28
N TYR A 195 -7.60 7.42 -29.53
CA TYR A 195 -6.34 7.91 -29.05
C TYR A 195 -5.13 7.55 -29.87
N GLN A 196 -5.33 6.98 -31.04
CA GLN A 196 -4.20 6.66 -31.90
C GLN A 196 -3.28 7.91 -31.98
N ASP A 197 -1.99 7.75 -31.68
CA ASP A 197 -1.06 8.87 -31.73
C ASP A 197 -1.42 10.02 -30.80
N GLN A 198 -2.49 9.88 -30.03
CA GLN A 198 -2.87 10.95 -29.12
C GLN A 198 -2.59 10.61 -27.67
N GLU A 199 -2.46 11.66 -26.86
CA GLU A 199 -2.20 11.48 -25.44
C GLU A 199 -3.53 11.15 -24.78
N VAL A 200 -3.50 10.19 -23.87
CA VAL A 200 -4.70 9.78 -23.16
C VAL A 200 -4.87 10.62 -21.91
N PRO A 201 -5.99 11.32 -21.78
CA PRO A 201 -6.12 12.11 -20.56
C PRO A 201 -6.48 11.23 -19.34
N LYS A 202 -6.00 11.61 -18.18
CA LYS A 202 -6.29 10.84 -16.98
C LYS A 202 -7.75 11.01 -16.59
N PRO A 203 -8.46 9.93 -16.28
CA PRO A 203 -9.85 10.22 -15.89
C PRO A 203 -9.84 11.07 -14.60
N LYS A 204 -10.89 11.86 -14.42
CA LYS A 204 -11.00 12.69 -13.23
C LYS A 204 -11.07 11.79 -12.02
N SER A 205 -11.75 10.66 -12.14
CA SER A 205 -11.88 9.73 -11.01
C SER A 205 -10.65 8.87 -10.72
N TRP A 206 -9.62 8.96 -11.56
CA TRP A 206 -8.44 8.13 -11.34
C TRP A 206 -7.34 8.88 -10.63
N GLY A 207 -6.75 8.24 -9.62
CA GLY A 207 -5.65 8.88 -8.91
C GLY A 207 -4.88 7.99 -7.93
N GLY A 208 -4.22 8.63 -6.97
CA GLY A 208 -3.48 7.91 -5.98
C GLY A 208 -3.79 8.35 -4.57
N TYR A 209 -3.28 7.57 -3.63
CA TYR A 209 -3.41 7.85 -2.21
C TYR A 209 -2.04 7.55 -1.60
N VAL A 210 -1.74 8.19 -0.47
CA VAL A 210 -0.54 7.87 0.27
C VAL A 210 -1.03 7.56 1.68
N LEU A 211 -0.60 6.41 2.23
CA LEU A 211 -0.97 6.05 3.60
C LEU A 211 0.23 6.42 4.49
N TYR A 212 0.01 7.34 5.43
CA TYR A 212 1.06 7.78 6.35
C TYR A 212 1.03 6.74 7.48
N PRO A 213 2.14 6.04 7.67
CA PRO A 213 2.20 5.00 8.70
C PRO A 213 2.21 5.39 10.15
N GLN A 214 1.26 4.80 10.89
CA GLN A 214 1.12 5.01 12.34
C GLN A 214 1.56 3.72 13.08
N VAL A 215 1.45 2.58 12.40
CA VAL A 215 1.83 1.27 12.96
C VAL A 215 2.49 0.43 11.86
N MET A 216 3.58 -0.28 12.16
CA MET A 216 4.25 -1.10 11.17
C MET A 216 4.81 -2.30 11.88
N GLU A 217 4.41 -3.49 11.46
CA GLU A 217 4.89 -4.69 12.11
C GLU A 217 5.67 -5.55 11.17
N PHE A 218 6.80 -6.05 11.68
CA PHE A 218 7.66 -6.95 10.95
C PHE A 218 7.47 -8.32 11.59
N TRP A 219 6.95 -9.26 10.79
CA TRP A 219 6.69 -10.63 11.22
C TRP A 219 7.67 -11.53 10.50
N GLN A 220 8.47 -12.28 11.26
CA GLN A 220 9.44 -13.22 10.69
C GLN A 220 9.07 -14.60 11.20
N GLY A 221 8.58 -15.44 10.31
CA GLY A 221 8.19 -16.79 10.70
C GLY A 221 9.34 -17.67 11.18
N GLN A 222 9.05 -18.61 12.07
CA GLN A 222 10.07 -19.50 12.62
C GLN A 222 9.51 -20.90 12.72
N THR A 223 10.32 -21.87 12.30
CA THR A 223 10.01 -23.31 12.28
C THR A 223 9.50 -23.85 13.61
N ASN A 224 9.98 -23.30 14.70
CA ASN A 224 9.56 -23.75 16.01
C ASN A 224 8.19 -23.17 16.40
N ARG A 225 7.66 -22.32 15.51
CA ARG A 225 6.33 -21.68 15.66
C ARG A 225 6.30 -20.44 16.54
N LEU A 226 7.46 -20.08 17.08
CA LEU A 226 7.58 -18.92 17.92
C LEU A 226 8.02 -17.77 17.03
N HIS A 227 7.09 -17.29 16.23
CA HIS A 227 7.39 -16.22 15.30
C HIS A 227 7.83 -14.95 15.99
N ASP A 228 8.75 -14.23 15.33
CA ASP A 228 9.22 -12.95 15.80
C ASP A 228 8.31 -11.87 15.26
N ARG A 229 7.83 -11.03 16.16
CA ARG A 229 6.99 -9.91 15.81
C ARG A 229 7.51 -8.66 16.46
N ILE A 230 7.98 -7.73 15.63
CA ILE A 230 8.47 -6.45 16.15
C ILE A 230 7.63 -5.39 15.51
N VAL A 231 6.87 -4.71 16.37
CA VAL A 231 5.91 -3.68 15.97
C VAL A 231 6.27 -2.27 16.42
N PHE A 232 6.25 -1.37 15.47
CA PHE A 232 6.54 0.03 15.67
C PHE A 232 5.23 0.79 15.65
N ARG A 233 5.15 1.80 16.51
CA ARG A 233 3.98 2.68 16.60
C ARG A 233 4.50 4.08 17.00
N ARG A 234 3.86 5.14 16.54
CA ARG A 234 4.35 6.48 16.89
C ARG A 234 3.84 6.90 18.26
N GLY A 235 4.76 7.39 19.08
CA GLY A 235 4.41 7.83 20.42
C GLY A 235 3.91 9.25 20.50
N LEU A 236 2.99 9.48 21.43
CA LEU A 236 2.39 10.80 21.65
C LEU A 236 3.34 11.71 22.43
N PRO A 237 3.84 11.22 23.59
CA PRO A 237 4.75 12.05 24.39
C PRO A 237 6.19 12.12 23.86
N THR A 238 6.37 12.20 22.53
CA THR A 238 7.73 12.28 22.01
C THR A 238 8.44 13.56 22.50
N GLY A 239 9.70 13.38 22.86
CA GLY A 239 10.53 14.44 23.40
C GLY A 239 11.30 13.75 24.52
N ASP A 240 10.56 13.07 25.39
CA ASP A 240 11.11 12.31 26.51
C ASP A 240 10.10 11.94 27.59
N SER A 241 9.28 10.92 27.31
CA SER A 241 8.30 10.43 28.28
C SER A 241 8.55 8.92 28.49
N PRO A 242 9.79 8.52 28.89
CA PRO A 242 10.09 7.10 29.10
C PRO A 242 8.86 6.24 29.48
N LEU A 243 8.68 5.15 28.74
CA LEU A 243 7.53 4.28 28.90
C LEU A 243 7.71 2.95 29.60
N GLY A 244 6.78 2.05 29.30
CA GLY A 244 6.76 0.71 29.84
C GLY A 244 8.10 0.02 29.77
N PRO A 245 8.32 -0.98 30.65
CA PRO A 245 9.54 -1.79 30.79
C PRO A 245 9.87 -2.52 29.50
N MET A 246 8.82 -2.83 28.75
CA MET A 246 8.93 -3.55 27.48
C MET A 246 8.69 -2.69 26.22
N THR A 247 8.79 -1.36 26.35
CA THR A 247 8.55 -0.49 25.21
C THR A 247 9.83 0.26 24.91
N HIS A 248 10.29 0.20 23.66
CA HIS A 248 11.54 0.87 23.35
C HIS A 248 11.50 2.04 22.39
N ARG A 249 12.55 2.84 22.43
CA ARG A 249 12.65 4.01 21.60
C ARG A 249 13.21 3.73 20.21
N GLY A 250 12.47 4.20 19.20
CA GLY A 250 12.87 4.04 17.82
C GLY A 250 13.23 5.44 17.33
N GLU A 251 13.52 5.61 16.04
CA GLU A 251 13.88 6.93 15.53
C GLU A 251 12.68 7.87 15.52
N GLU A 252 12.96 9.17 15.55
CA GLU A 252 11.90 10.15 15.54
C GLU A 252 10.94 9.91 16.70
N ASP A 253 9.65 9.96 16.41
CA ASP A 253 8.63 9.72 17.41
C ASP A 253 8.22 8.22 17.43
N TRP A 254 9.07 7.35 16.89
CA TRP A 254 8.74 5.93 16.88
C TRP A 254 9.14 5.18 18.14
N LEU A 255 8.23 4.30 18.55
CA LEU A 255 8.40 3.38 19.69
C LEU A 255 8.26 1.94 19.15
N TYR A 256 8.94 0.97 19.76
CA TYR A 256 8.74 -0.41 19.32
C TYR A 256 8.68 -1.41 20.47
N GLU A 257 8.03 -2.54 20.23
CA GLU A 257 7.91 -3.60 21.24
C GLU A 257 7.62 -4.92 20.57
N ARG A 258 7.96 -6.02 21.25
CA ARG A 258 7.72 -7.36 20.71
C ARG A 258 6.31 -7.86 21.05
N LEU A 259 5.67 -8.59 20.12
CA LEU A 259 4.33 -9.12 20.35
C LEU A 259 4.39 -10.63 20.27
N ALA A 260 3.64 -11.30 21.15
CA ALA A 260 3.59 -12.76 21.18
C ALA A 260 2.95 -13.17 19.86
N PRO A 261 3.44 -14.26 19.24
CA PRO A 261 2.92 -14.76 17.96
C PRO A 261 1.54 -15.43 18.02
P PO4 B . -18.98 1.31 -7.23
O1 PO4 B . -20.13 2.14 -7.71
O2 PO4 B . -18.49 1.80 -5.91
O3 PO4 B . -17.90 1.32 -8.24
O4 PO4 B . -19.46 -0.09 -7.01
N1 FMN C . -6.41 -2.44 -8.60
C2 FMN C . -6.18 -1.14 -8.49
O2 FMN C . -7.00 -0.29 -8.59
N3 FMN C . -4.86 -0.67 -8.28
C4 FMN C . -3.71 -1.54 -8.22
O4 FMN C . -2.62 -1.02 -8.01
C4A FMN C . -3.97 -2.94 -8.36
N5 FMN C . -3.02 -3.90 -8.30
C5A FMN C . -3.29 -5.22 -8.31
C6 FMN C . -2.24 -6.15 -8.11
C7 FMN C . -2.51 -7.49 -8.03
C7M FMN C . -1.38 -8.47 -7.79
C8 FMN C . -3.86 -8.01 -8.18
C8M FMN C . -4.23 -9.47 -8.12
C9 FMN C . -4.91 -7.14 -8.40
C9A FMN C . -4.70 -5.70 -8.47
N10 FMN C . -5.70 -4.68 -8.59
C10 FMN C . -5.44 -3.35 -8.53
C1' FMN C . -7.17 -5.09 -8.75
C2' FMN C . -7.87 -5.12 -7.31
O2' FMN C . -7.46 -6.30 -6.55
C3' FMN C . -9.36 -4.97 -7.44
O3' FMN C . -9.87 -5.95 -8.35
C4' FMN C . -9.78 -3.56 -7.97
O4' FMN C . -8.97 -2.46 -7.51
C5' FMN C . -11.26 -3.32 -7.56
O5' FMN C . -11.35 -3.42 -5.98
P FMN C . -12.57 -2.78 -5.19
O1P FMN C . -12.41 -3.26 -3.73
O2P FMN C . -12.52 -1.33 -5.25
O3P FMN C . -13.78 -3.35 -5.92
N1 PLP D . -4.80 -1.19 -11.95
C2 PLP D . -5.45 -2.44 -11.97
C2A PLP D . -6.97 -2.49 -12.08
C3 PLP D . -4.70 -3.66 -11.89
O3 PLP D . -5.35 -4.89 -11.91
C4 PLP D . -3.26 -3.59 -11.80
C4A PLP D . -2.38 -4.90 -11.70
O4A PLP D . -2.88 -6.06 -11.72
C5 PLP D . -2.63 -2.31 -11.78
C6 PLP D . -3.39 -1.11 -11.86
C5A PLP D . -1.10 -2.23 -11.69
O4P PLP D . -0.64 -0.88 -11.72
P PLP D . 0.11 -0.38 -13.06
O1P PLP D . 1.58 -1.02 -13.10
O2P PLP D . 0.23 1.23 -13.01
O3P PLP D . -0.69 -0.82 -14.38
C1 BME E . 15.65 -16.84 -0.53
C2 BME E . 15.48 -15.63 -1.48
O1 BME E . 14.61 -17.79 -0.75
S2 BME E . 14.63 -16.19 -2.99
#